data_8DI5
#
_entry.id   8DI5
#
_cell.length_a   1.00
_cell.length_b   1.00
_cell.length_c   1.00
_cell.angle_alpha   90.00
_cell.angle_beta   90.00
_cell.angle_gamma   90.00
#
_symmetry.space_group_name_H-M   'P 1'
#
loop_
_entity.id
_entity.type
_entity.pdbx_description
1 polymer 'Spike glycoprotein'
2 polymer 'VH F6'
3 non-polymer 2-acetamido-2-deoxy-beta-D-glucopyranose
#
loop_
_entity_poly.entity_id
_entity_poly.type
_entity_poly.pdbx_seq_one_letter_code
_entity_poly.pdbx_strand_id
1 'polypeptide(L)'
;MFVFLVLLPLVSSQCVNFTTRTQLPPAYTNSFTRGVYYPDKVFRSSVLHSTQDLFLPFFSNVTWFHAIHVSGTNGTKRFA
NPVLPFNDGVYFASTEKSNIIRGWIFGTTLDSKTQSLLIVNNATNVVIKVCEFQFCNDPFLGVYYHKNNKSWMESEFRVY
SSANNCTFEYVSQPFLMDLEGKQGNFKNLREFVFKNIDGYFKIYSKHTPINLVRGLPQGFSALEPLVDLPIGINITRFQT
LLALHISYLTPGDSSSGWTAGAAAYYVGYLQPRTFLLKYNENGTITDAVDCALDPLSETKCTLKSFTVEKGIYQTSNFRV
QPTESIVRFPNITNLCPFGEVFNATRFASVYAWNRKRISNCVADYSVLYNSASFSTFKCYGVSPTKLNDLCFTNVYADSF
VIRGDEVRQIAPGQTGNIADYNYKLPDDFTGCVIAWNSNNLDSKVGGNYNYLYRLFRKSNLKPFERDISTEIYQAGSTPC
NGVKGFNCYFPLQSYGFQPTYGVGYQPYRVVVLSFELLHAPATVCGPKKSTNLVKNKCVNFNFNGLTGTGVLTESNKKFL
PFQQFGRDIADTTDAVRDPQTLEILDITPCSFGGVSVITPGTNTSNQVAVLYQGVNCTEVPVAIHADQLTPTWRVYSTGS
NVFQTRAGCLIGAEHVNNSYECDIPIGAGICASYQTQTNSPGSASSVASQSIIAYTMSLGVENSVAYSNNSIAIPTNFTI
SVTTEILPVSMTKTSVDCTMYICGDSTECSNLLLQYGSFCTQLNRALTGIAVEQDKNTQEVFAQVKQIYKTPPIKDFGGF
NFSQILPDPSKPSKRSPIEDLLFNKVTLADAGFIKQYGDCLGDIAARDLICAQKFNGLTVLPPLLTDEMIAQYTSALLAG
TITSGWTFGAGPALQIPFPMQMAYRFNGIGVTQNVLYENQKLIANQFNSAIGKIQDSLSSTPSALGKLQDVVNQNAQALN
TLVKQLSSNFGAISSVLNDILSRLDPPEAEVQIDRLITGRLQSLQTYVTQQLIRAAEIRASANLAATKMSECVLGQSKRV
DFCGKGYHLMSFPQSAPHGVVFLHVTYVPAQEKNFTTAPAICHDGKAHFPREGVFVSNGTHWFVTQRNFYEPQIITTDNT
FVSGNCDVVIGIVNNTVYDPLQPELDSFKEELDKYFKNHTSPDVDLGDISGINASVVNIQKEIDRLNEVAKNLNESLIDL
QELGKYEQGSGYIPEAPRDGQAYVRKDGEWVLLSTFLGRSLEVLFQGPGHHHHHHHHSAWSHPQFEKGGGSGGGGSGGSA
WSHPQFEK
;
C
2 'polypeptide(L)'
;EVQLVESGGGLVQPGGSLRLSCAASDFDFYDYEMSWVRQAPGKALEWIGNIYYSGDTFYNPSLKSRVTISRDNSKNTLYL
QMNSLRAEDTATYYCARVESGSGWLDFWGQGTLVTVSS
;
H
#
loop_
_chem_comp.id
_chem_comp.type
_chem_comp.name
_chem_comp.formula
NAG D-saccharide, beta linking 2-acetamido-2-deoxy-beta-D-glucopyranose 'C8 H15 N O6'
#
# COMPACT_ATOMS: atom_id res chain seq x y z
N THR A 333 -20.64 -25.14 -14.77
CA THR A 333 -19.90 -26.31 -15.23
C THR A 333 -18.54 -25.92 -15.78
N ASN A 334 -18.35 -24.64 -16.05
CA ASN A 334 -17.07 -24.19 -16.56
C ASN A 334 -16.08 -23.99 -15.41
N LEU A 335 -14.84 -23.69 -15.75
CA LEU A 335 -13.79 -23.62 -14.76
C LEU A 335 -13.82 -22.30 -14.00
N CYS A 336 -13.46 -22.37 -12.73
CA CYS A 336 -13.33 -21.16 -11.93
C CYS A 336 -12.07 -20.41 -12.35
N PRO A 337 -12.10 -19.08 -12.33
CA PRO A 337 -10.97 -18.32 -12.89
C PRO A 337 -9.77 -18.22 -11.94
N PHE A 338 -9.10 -19.34 -11.71
CA PHE A 338 -7.85 -19.30 -10.98
C PHE A 338 -6.71 -18.70 -11.81
N GLY A 339 -6.83 -18.73 -13.13
CA GLY A 339 -5.82 -18.10 -13.96
C GLY A 339 -5.79 -16.59 -13.81
N GLU A 340 -6.95 -15.97 -13.61
CA GLU A 340 -7.03 -14.53 -13.45
C GLU A 340 -6.67 -14.07 -12.04
N VAL A 341 -6.45 -14.98 -11.11
CA VAL A 341 -6.07 -14.64 -9.75
C VAL A 341 -4.60 -14.86 -9.51
N PHE A 342 -4.07 -16.01 -9.90
CA PHE A 342 -2.67 -16.33 -9.62
C PHE A 342 -1.73 -15.68 -10.63
N ASN A 343 -2.00 -15.88 -11.92
CA ASN A 343 -1.11 -15.44 -12.99
C ASN A 343 -1.39 -14.00 -13.43
N ALA A 344 -1.96 -13.19 -12.55
CA ALA A 344 -2.23 -11.79 -12.89
C ALA A 344 -0.94 -10.99 -12.94
N THR A 345 -0.95 -9.95 -13.77
CA THR A 345 0.26 -9.16 -13.98
C THR A 345 0.54 -8.25 -12.79
N ARG A 346 -0.50 -7.65 -12.22
CA ARG A 346 -0.36 -6.66 -11.17
C ARG A 346 -1.15 -7.12 -9.96
N PHE A 347 -0.47 -7.31 -8.84
CA PHE A 347 -1.16 -7.53 -7.57
C PHE A 347 -1.26 -6.23 -6.79
N ALA A 348 -2.28 -6.17 -5.95
CA ALA A 348 -2.46 -5.03 -5.07
C ALA A 348 -1.51 -5.14 -3.89
N SER A 349 -1.36 -4.04 -3.17
CA SER A 349 -0.55 -4.04 -1.97
C SER A 349 -1.30 -4.74 -0.84
N VAL A 350 -0.59 -5.02 0.26
CA VAL A 350 -1.21 -5.76 1.33
C VAL A 350 -2.17 -4.88 2.13
N TYR A 351 -1.95 -3.56 2.16
CA TYR A 351 -2.89 -2.69 2.86
C TYR A 351 -4.20 -2.53 2.11
N ALA A 352 -4.20 -2.80 0.80
CA ALA A 352 -5.36 -2.65 -0.06
C ALA A 352 -5.57 -3.92 -0.87
N TRP A 353 -5.57 -5.06 -0.17
CA TRP A 353 -5.56 -6.37 -0.81
C TRP A 353 -6.83 -6.64 -1.61
N ASN A 354 -6.68 -7.28 -2.76
CA ASN A 354 -7.81 -7.52 -3.64
C ASN A 354 -8.59 -8.75 -3.21
N ARG A 355 -9.90 -8.65 -3.24
CA ARG A 355 -10.79 -9.76 -2.94
C ARG A 355 -11.61 -10.09 -4.16
N LYS A 356 -11.56 -11.36 -4.58
CA LYS A 356 -12.31 -11.85 -5.71
C LYS A 356 -13.26 -12.95 -5.24
N ARG A 357 -14.55 -12.74 -5.43
CA ARG A 357 -15.51 -13.81 -5.17
C ARG A 357 -15.46 -14.82 -6.30
N ILE A 358 -15.59 -16.09 -5.94
CA ILE A 358 -15.59 -17.19 -6.89
C ILE A 358 -16.86 -17.98 -6.64
N SER A 359 -17.71 -18.06 -7.67
CA SER A 359 -19.01 -18.71 -7.57
C SER A 359 -19.44 -19.14 -8.95
N ASN A 360 -20.38 -20.10 -8.97
CA ASN A 360 -21.03 -20.60 -10.19
C ASN A 360 -20.01 -21.15 -11.19
N CYS A 361 -19.16 -22.06 -10.72
CA CYS A 361 -18.17 -22.72 -11.56
C CYS A 361 -17.76 -24.02 -10.87
N VAL A 362 -16.80 -24.71 -11.48
CA VAL A 362 -16.15 -25.86 -10.87
C VAL A 362 -14.67 -25.54 -10.78
N ALA A 363 -14.08 -25.84 -9.62
CA ALA A 363 -12.70 -25.46 -9.34
C ALA A 363 -11.83 -26.70 -9.32
N ASP A 364 -10.71 -26.64 -10.03
CA ASP A 364 -9.77 -27.74 -10.09
C ASP A 364 -8.57 -27.38 -9.24
N TYR A 365 -8.56 -27.84 -7.99
CA TYR A 365 -7.48 -27.52 -7.07
C TYR A 365 -6.24 -28.38 -7.30
N SER A 366 -6.36 -29.47 -8.06
CA SER A 366 -5.25 -30.39 -8.27
C SER A 366 -4.12 -29.76 -9.08
N VAL A 367 -4.42 -28.76 -9.90
CA VAL A 367 -3.36 -28.06 -10.60
C VAL A 367 -2.60 -27.14 -9.66
N LEU A 368 -3.22 -26.71 -8.56
CA LEU A 368 -2.54 -25.79 -7.65
C LEU A 368 -1.56 -26.53 -6.75
N TYR A 369 -1.95 -27.68 -6.21
CA TYR A 369 -1.05 -28.41 -5.33
C TYR A 369 0.10 -29.05 -6.10
N ASN A 370 -0.17 -29.53 -7.31
CA ASN A 370 0.86 -30.19 -8.10
C ASN A 370 1.77 -29.22 -8.82
N SER A 371 1.45 -27.93 -8.84
CA SER A 371 2.35 -26.95 -9.43
C SER A 371 3.57 -26.77 -8.57
N ALA A 372 4.73 -26.65 -9.21
CA ALA A 372 6.00 -26.53 -8.49
C ALA A 372 6.34 -25.09 -8.14
N SER A 373 5.52 -24.12 -8.56
CA SER A 373 5.85 -22.73 -8.34
C SER A 373 5.64 -22.30 -6.91
N PHE A 374 4.64 -22.84 -6.23
CA PHE A 374 4.23 -22.34 -4.93
C PHE A 374 5.17 -22.87 -3.86
N SER A 375 5.93 -21.97 -3.23
CA SER A 375 6.79 -22.38 -2.13
C SER A 375 5.95 -22.73 -0.90
N THR A 376 5.01 -21.88 -0.56
CA THR A 376 4.15 -22.08 0.61
C THR A 376 2.76 -22.46 0.13
N PHE A 377 2.27 -23.60 0.58
CA PHE A 377 0.91 -24.02 0.29
C PHE A 377 0.40 -24.64 1.58
N LYS A 378 -0.17 -23.81 2.46
CA LYS A 378 -0.58 -24.25 3.79
C LYS A 378 -2.09 -24.13 3.92
N CYS A 379 -2.76 -25.26 4.12
CA CYS A 379 -4.21 -25.26 4.24
C CYS A 379 -4.60 -25.52 5.68
N TYR A 380 -5.48 -24.67 6.21
CA TYR A 380 -5.98 -24.76 7.57
C TYR A 380 -7.44 -25.13 7.52
N GLY A 381 -7.81 -26.21 8.18
CA GLY A 381 -9.17 -26.66 8.25
C GLY A 381 -9.62 -27.52 7.09
N VAL A 382 -8.80 -27.67 6.05
CA VAL A 382 -9.00 -28.62 4.97
C VAL A 382 -7.69 -29.32 4.69
N SER A 383 -7.75 -30.31 3.82
CA SER A 383 -6.52 -30.91 3.33
C SER A 383 -6.34 -30.57 1.86
N PRO A 384 -5.12 -30.27 1.42
CA PRO A 384 -4.90 -29.90 0.02
C PRO A 384 -5.18 -31.01 -0.97
N THR A 385 -4.96 -32.27 -0.59
CA THR A 385 -5.24 -33.38 -1.48
C THR A 385 -6.74 -33.70 -1.55
N LYS A 386 -7.52 -33.25 -0.59
CA LYS A 386 -8.95 -33.53 -0.53
C LYS A 386 -9.80 -32.41 -1.11
N LEU A 387 -9.19 -31.35 -1.63
CA LEU A 387 -9.94 -30.18 -2.06
C LEU A 387 -10.71 -30.38 -3.35
N ASN A 388 -10.48 -31.48 -4.06
CA ASN A 388 -11.25 -31.78 -5.27
C ASN A 388 -12.58 -32.44 -4.96
N ASP A 389 -12.93 -32.62 -3.70
CA ASP A 389 -14.11 -33.38 -3.32
C ASP A 389 -15.19 -32.54 -2.68
N LEU A 390 -14.84 -31.46 -2.01
CA LEU A 390 -15.79 -30.68 -1.23
C LEU A 390 -16.42 -29.60 -2.08
N CYS A 391 -17.74 -29.46 -2.00
CA CYS A 391 -18.45 -28.35 -2.61
C CYS A 391 -18.58 -27.21 -1.61
N PHE A 392 -18.29 -26.00 -2.07
CA PHE A 392 -18.16 -24.85 -1.21
C PHE A 392 -19.19 -23.80 -1.59
N THR A 393 -19.29 -22.75 -0.79
CA THR A 393 -20.12 -21.59 -1.12
C THR A 393 -19.24 -20.35 -1.11
N ASN A 394 -19.13 -19.70 -2.28
CA ASN A 394 -18.59 -18.34 -2.45
C ASN A 394 -17.13 -18.26 -1.96
N VAL A 395 -16.26 -18.92 -2.69
CA VAL A 395 -14.85 -18.97 -2.30
C VAL A 395 -14.19 -17.62 -2.55
N TYR A 396 -13.57 -17.06 -1.52
CA TYR A 396 -12.91 -15.78 -1.66
C TYR A 396 -11.43 -16.00 -1.97
N ALA A 397 -10.89 -15.18 -2.87
CA ALA A 397 -9.48 -15.19 -3.19
C ALA A 397 -8.91 -13.82 -2.88
N ASP A 398 -8.00 -13.76 -1.91
CA ASP A 398 -7.41 -12.51 -1.46
C ASP A 398 -5.98 -12.44 -1.96
N SER A 399 -5.71 -11.53 -2.88
CA SER A 399 -4.39 -11.43 -3.49
C SER A 399 -3.68 -10.18 -3.00
N PHE A 400 -2.39 -10.34 -2.65
CA PHE A 400 -1.55 -9.23 -2.25
C PHE A 400 -0.09 -9.66 -2.37
N VAL A 401 0.82 -8.74 -2.03
CA VAL A 401 2.27 -8.96 -2.12
C VAL A 401 2.90 -8.53 -0.81
N ILE A 402 3.65 -9.44 -0.17
CA ILE A 402 4.39 -9.09 1.04
C ILE A 402 5.86 -9.44 0.83
N ARG A 403 6.67 -9.31 1.87
CA ARG A 403 8.06 -9.71 1.78
C ARG A 403 8.21 -11.14 2.32
N GLY A 404 9.41 -11.70 2.14
CA GLY A 404 9.64 -13.10 2.49
C GLY A 404 9.49 -13.44 3.96
N ASP A 405 9.95 -12.57 4.85
CA ASP A 405 9.93 -12.94 6.26
C ASP A 405 8.60 -12.62 6.95
N GLU A 406 7.56 -12.33 6.18
CA GLU A 406 6.24 -12.03 6.71
C GLU A 406 5.19 -13.02 6.23
N VAL A 407 5.58 -14.01 5.43
CA VAL A 407 4.67 -15.06 4.99
C VAL A 407 4.18 -15.92 6.15
N ARG A 408 4.98 -16.01 7.22
CA ARG A 408 4.52 -16.70 8.43
C ARG A 408 3.40 -15.96 9.13
N GLN A 409 3.18 -14.67 8.83
CA GLN A 409 2.09 -13.93 9.47
C GLN A 409 0.76 -14.12 8.77
N ILE A 410 0.73 -14.74 7.59
CA ILE A 410 -0.53 -15.08 6.94
C ILE A 410 -0.88 -16.49 7.42
N ALA A 411 -1.46 -16.54 8.62
CA ALA A 411 -1.86 -17.77 9.30
C ALA A 411 -2.75 -17.36 10.47
N PRO A 412 -3.64 -18.24 10.94
CA PRO A 412 -4.51 -17.86 12.05
C PRO A 412 -3.74 -17.73 13.36
N GLY A 413 -3.97 -16.63 14.06
CA GLY A 413 -3.41 -16.44 15.38
C GLY A 413 -1.97 -15.99 15.41
N GLN A 414 -1.47 -15.35 14.36
CA GLN A 414 -0.11 -14.86 14.31
C GLN A 414 -0.06 -13.38 14.65
N THR A 415 1.12 -12.91 15.03
CA THR A 415 1.34 -11.50 15.35
C THR A 415 2.46 -10.95 14.49
N GLY A 416 2.31 -9.68 14.12
CA GLY A 416 3.29 -9.02 13.30
C GLY A 416 2.73 -7.70 12.81
N ASN A 417 3.41 -7.10 11.84
CA ASN A 417 2.84 -5.92 11.21
C ASN A 417 1.71 -6.29 10.25
N ILE A 418 1.90 -7.36 9.46
CA ILE A 418 0.92 -7.73 8.46
C ILE A 418 -0.35 -8.30 9.11
N ALA A 419 -0.18 -9.08 10.17
CA ALA A 419 -1.34 -9.67 10.82
C ALA A 419 -2.13 -8.63 11.60
N ASP A 420 -1.44 -7.68 12.25
CA ASP A 420 -2.16 -6.72 13.07
C ASP A 420 -2.74 -5.59 12.22
N TYR A 421 -1.95 -5.00 11.34
CA TYR A 421 -2.31 -3.74 10.73
C TYR A 421 -2.62 -3.83 9.23
N ASN A 422 -2.36 -4.97 8.59
CA ASN A 422 -2.56 -5.07 7.15
C ASN A 422 -3.58 -6.13 6.76
N TYR A 423 -3.43 -7.36 7.22
CA TYR A 423 -4.31 -8.44 6.79
C TYR A 423 -4.46 -9.43 7.93
N LYS A 424 -5.64 -9.50 8.52
CA LYS A 424 -5.91 -10.35 9.67
C LYS A 424 -6.72 -11.57 9.24
N LEU A 425 -6.25 -12.75 9.63
CA LEU A 425 -7.01 -13.97 9.41
C LEU A 425 -7.76 -14.36 10.67
N PRO A 426 -8.97 -14.91 10.54
CA PRO A 426 -9.70 -15.33 11.73
C PRO A 426 -9.09 -16.58 12.35
N ASP A 427 -9.44 -16.81 13.62
CA ASP A 427 -8.90 -17.98 14.32
C ASP A 427 -9.49 -19.28 13.79
N ASP A 428 -10.73 -19.25 13.34
CA ASP A 428 -11.39 -20.43 12.77
C ASP A 428 -11.35 -20.43 11.24
N PHE A 429 -10.24 -19.99 10.68
CA PHE A 429 -10.12 -19.84 9.23
C PHE A 429 -9.98 -21.19 8.57
N THR A 430 -10.87 -21.48 7.61
CA THR A 430 -10.81 -22.70 6.81
C THR A 430 -10.49 -22.31 5.38
N GLY A 431 -9.24 -22.49 4.99
CA GLY A 431 -8.81 -22.08 3.67
C GLY A 431 -7.40 -22.52 3.41
N CYS A 432 -6.78 -21.86 2.44
CA CYS A 432 -5.40 -22.18 2.06
C CYS A 432 -4.63 -20.91 1.77
N VAL A 433 -3.48 -20.76 2.42
CA VAL A 433 -2.56 -19.67 2.17
C VAL A 433 -1.52 -20.14 1.17
N ILE A 434 -1.42 -19.44 0.05
CA ILE A 434 -0.60 -19.83 -1.08
C ILE A 434 0.38 -18.71 -1.32
N ALA A 435 1.66 -19.02 -1.41
CA ALA A 435 2.65 -17.96 -1.57
C ALA A 435 3.79 -18.45 -2.43
N TRP A 436 4.19 -17.64 -3.39
CA TRP A 436 5.33 -17.98 -4.23
C TRP A 436 6.23 -16.77 -4.41
N ASN A 437 7.53 -17.04 -4.51
CA ASN A 437 8.51 -15.99 -4.70
C ASN A 437 8.38 -15.38 -6.08
N SER A 438 8.23 -14.07 -6.14
CA SER A 438 8.07 -13.34 -7.38
C SER A 438 9.10 -12.25 -7.50
N ASN A 439 10.36 -12.60 -7.19
CA ASN A 439 11.46 -11.65 -7.29
C ASN A 439 11.60 -11.12 -8.71
N ASN A 440 11.56 -12.02 -9.69
CA ASN A 440 11.76 -11.63 -11.07
C ASN A 440 10.49 -11.12 -11.76
N LEU A 441 9.40 -10.94 -11.01
CA LEU A 441 8.22 -10.22 -11.50
C LEU A 441 7.97 -8.89 -10.82
N ASP A 442 8.30 -8.75 -9.54
CA ASP A 442 7.88 -7.58 -8.77
C ASP A 442 9.07 -6.81 -8.20
N SER A 443 10.23 -6.87 -8.86
CA SER A 443 11.38 -6.10 -8.44
C SER A 443 11.97 -5.34 -9.61
N LYS A 444 12.53 -4.18 -9.32
CA LYS A 444 13.23 -3.37 -10.31
C LYS A 444 14.63 -3.09 -9.79
N VAL A 445 15.56 -2.84 -10.70
CA VAL A 445 16.95 -2.62 -10.30
C VAL A 445 17.08 -1.30 -9.54
N GLY A 446 16.23 -0.32 -9.83
CA GLY A 446 16.18 0.88 -9.02
C GLY A 446 15.27 0.78 -7.82
N GLY A 447 14.46 -0.28 -7.75
CA GLY A 447 13.52 -0.44 -6.66
C GLY A 447 12.09 -0.41 -7.15
N ASN A 448 11.33 -1.47 -6.89
CA ASN A 448 9.90 -1.48 -7.18
C ASN A 448 9.18 -0.97 -5.95
N TYR A 449 8.75 0.29 -5.99
CA TYR A 449 8.13 0.95 -4.85
C TYR A 449 6.62 0.99 -4.94
N ASN A 450 6.02 0.19 -5.80
CA ASN A 450 4.58 0.18 -5.99
C ASN A 450 3.84 -0.70 -4.99
N TYR A 451 4.54 -1.35 -4.07
CA TYR A 451 3.92 -2.22 -3.07
C TYR A 451 4.08 -1.60 -1.70
N LEU A 452 2.99 -1.61 -0.93
CA LEU A 452 2.86 -0.83 0.28
C LEU A 452 2.37 -1.71 1.41
N TYR A 453 2.77 -1.34 2.63
CA TYR A 453 2.30 -2.02 3.83
C TYR A 453 2.08 -0.98 4.91
N ARG A 454 1.08 -1.23 5.75
CA ARG A 454 0.77 -0.33 6.85
C ARG A 454 1.72 -0.59 8.01
N LEU A 455 2.34 0.46 8.52
CA LEU A 455 3.31 0.29 9.59
C LEU A 455 2.65 0.26 10.96
N PHE A 456 1.62 1.06 11.16
CA PHE A 456 1.03 1.18 12.48
C PHE A 456 -0.43 1.59 12.37
N ARG A 457 -1.22 1.16 13.33
CA ARG A 457 -2.63 1.48 13.42
C ARG A 457 -2.95 1.73 14.88
N LYS A 458 -4.07 2.42 15.14
CA LYS A 458 -4.46 2.67 16.52
C LYS A 458 -4.90 1.39 17.21
N SER A 459 -5.41 0.43 16.46
CA SER A 459 -5.81 -0.85 17.01
C SER A 459 -5.61 -1.91 15.94
N ASN A 460 -5.60 -3.17 16.39
CA ASN A 460 -5.46 -4.29 15.47
C ASN A 460 -6.70 -4.44 14.60
N LEU A 461 -6.51 -5.01 13.43
CA LEU A 461 -7.61 -5.23 12.51
C LEU A 461 -8.51 -6.35 13.00
N LYS A 462 -9.77 -6.27 12.62
CA LYS A 462 -10.66 -7.40 12.74
C LYS A 462 -10.32 -8.42 11.66
N PRO A 463 -10.76 -9.68 11.81
CA PRO A 463 -10.59 -10.65 10.72
C PRO A 463 -11.27 -10.22 9.44
N PHE A 464 -10.49 -10.23 8.36
CA PHE A 464 -10.89 -9.82 7.00
C PHE A 464 -11.40 -8.38 6.98
N GLU A 465 -10.56 -7.46 7.43
CA GLU A 465 -10.87 -6.05 7.42
C GLU A 465 -9.80 -5.29 6.64
N ARG A 466 -10.23 -4.51 5.65
CA ARG A 466 -9.34 -3.73 4.81
C ARG A 466 -9.37 -2.27 5.25
N ASP A 467 -8.22 -1.73 5.64
CA ASP A 467 -8.11 -0.33 6.05
C ASP A 467 -7.21 0.39 5.06
N ILE A 468 -7.81 1.22 4.21
CA ILE A 468 -7.09 2.01 3.23
C ILE A 468 -7.09 3.49 3.60
N SER A 469 -7.39 3.80 4.85
CA SER A 469 -7.50 5.19 5.32
C SER A 469 -6.11 5.80 5.38
N THR A 470 -5.76 6.57 4.35
CA THR A 470 -4.41 7.10 4.21
C THR A 470 -4.36 8.50 4.83
N GLU A 471 -4.36 8.50 6.17
CA GLU A 471 -4.32 9.73 6.93
C GLU A 471 -2.88 10.02 7.35
N ILE A 472 -2.71 11.00 8.22
CA ILE A 472 -1.42 11.28 8.86
C ILE A 472 -1.70 11.39 10.35
N TYR A 473 -1.12 10.49 11.13
CA TYR A 473 -1.52 10.41 12.54
C TYR A 473 -0.47 11.08 13.41
N GLN A 474 -0.81 11.25 14.68
CA GLN A 474 0.08 11.87 15.64
C GLN A 474 0.31 10.95 16.83
N ALA A 475 1.51 11.08 17.42
CA ALA A 475 1.88 10.32 18.60
C ALA A 475 3.03 11.04 19.29
N GLY A 476 3.03 11.01 20.62
CA GLY A 476 4.13 11.59 21.37
C GLY A 476 3.74 12.78 22.21
N SER A 477 2.49 12.77 22.69
CA SER A 477 1.91 13.78 23.58
C SER A 477 1.90 15.18 22.98
N THR A 478 1.91 15.29 21.65
CA THR A 478 1.62 16.52 20.93
C THR A 478 0.69 16.12 19.78
N PRO A 479 -0.29 16.94 19.46
CA PRO A 479 -1.21 16.60 18.37
C PRO A 479 -0.57 16.86 17.01
N CYS A 480 -1.31 16.56 15.94
CA CYS A 480 -0.86 16.88 14.59
C CYS A 480 -1.43 18.23 14.16
N ASN A 481 -1.17 19.23 15.00
CA ASN A 481 -1.58 20.60 14.75
C ASN A 481 -0.69 21.25 13.69
N GLY A 482 0.49 20.70 13.47
CA GLY A 482 1.43 21.27 12.51
C GLY A 482 2.83 20.77 12.80
N VAL A 483 3.80 21.60 12.44
CA VAL A 483 5.19 21.25 12.71
C VAL A 483 5.66 21.76 14.06
N LYS A 484 4.83 22.54 14.76
CA LYS A 484 5.28 23.22 15.97
C LYS A 484 5.35 22.29 17.16
N GLY A 485 4.51 21.26 17.20
CA GLY A 485 4.68 20.17 18.13
C GLY A 485 5.66 19.17 17.58
N PHE A 486 5.66 17.98 18.16
CA PHE A 486 6.38 16.88 17.53
C PHE A 486 5.71 16.49 16.23
N ASN A 487 6.52 16.09 15.26
CA ASN A 487 6.05 15.84 13.91
C ASN A 487 5.14 14.62 13.85
N CYS A 488 4.39 14.54 12.78
CA CYS A 488 3.37 13.51 12.61
C CYS A 488 3.95 12.35 11.80
N TYR A 489 3.29 11.21 11.86
CA TYR A 489 3.75 10.02 11.16
C TYR A 489 2.79 9.65 10.03
N PHE A 490 3.36 9.04 8.99
CA PHE A 490 2.62 8.54 7.85
C PHE A 490 2.58 7.02 7.92
N PRO A 491 1.42 6.38 7.90
CA PRO A 491 1.35 4.95 8.21
C PRO A 491 1.84 4.00 7.13
N LEU A 492 1.64 4.33 5.86
CA LEU A 492 2.00 3.42 4.79
C LEU A 492 3.46 3.59 4.40
N GLN A 493 4.19 2.48 4.29
CA GLN A 493 5.51 2.50 3.71
C GLN A 493 5.60 1.57 2.53
N SER A 494 6.62 1.80 1.72
CA SER A 494 6.89 1.03 0.53
C SER A 494 8.06 0.09 0.75
N TYR A 495 7.92 -1.16 0.32
CA TYR A 495 9.07 -2.04 0.32
C TYR A 495 9.94 -1.64 -0.87
N GLY A 496 11.22 -1.42 -0.63
CA GLY A 496 12.06 -1.10 -1.77
C GLY A 496 12.62 -2.37 -2.39
N PHE A 497 11.77 -3.11 -3.10
CA PHE A 497 12.15 -4.42 -3.64
C PHE A 497 13.31 -4.30 -4.61
N GLN A 498 14.38 -5.06 -4.38
CA GLN A 498 15.50 -5.10 -5.31
C GLN A 498 15.80 -6.55 -5.66
N PRO A 499 16.33 -6.81 -6.86
CA PRO A 499 16.78 -8.18 -7.16
C PRO A 499 17.95 -8.58 -6.30
N THR A 500 18.84 -7.63 -6.02
CA THR A 500 20.04 -7.88 -5.21
C THR A 500 19.68 -8.30 -3.79
N TYR A 501 18.53 -7.84 -3.30
CA TYR A 501 18.06 -8.09 -1.94
C TYR A 501 18.00 -9.59 -1.65
N GLY A 502 18.45 -9.96 -0.46
CA GLY A 502 18.45 -11.35 -0.06
C GLY A 502 17.05 -11.89 0.16
N VAL A 503 16.95 -13.22 0.13
CA VAL A 503 15.69 -13.90 0.41
C VAL A 503 15.19 -13.49 1.81
N GLY A 504 13.88 -13.43 1.96
CA GLY A 504 13.31 -12.94 3.18
C GLY A 504 12.91 -11.49 3.09
N TYR A 505 13.43 -10.80 2.07
CA TYR A 505 13.05 -9.45 1.74
C TYR A 505 12.53 -9.35 0.32
N GLN A 506 12.63 -10.41 -0.46
CA GLN A 506 12.19 -10.45 -1.84
C GLN A 506 10.67 -10.51 -1.89
N PRO A 507 10.04 -9.97 -2.94
CA PRO A 507 8.57 -9.96 -3.04
C PRO A 507 7.98 -11.37 -3.17
N TYR A 508 7.13 -11.73 -2.23
CA TYR A 508 6.37 -12.98 -2.26
C TYR A 508 4.91 -12.63 -2.52
N ARG A 509 4.36 -13.22 -3.58
CA ARG A 509 2.95 -13.05 -3.90
C ARG A 509 2.12 -14.05 -3.12
N VAL A 510 1.09 -13.56 -2.43
CA VAL A 510 0.27 -14.38 -1.56
C VAL A 510 -1.18 -14.30 -2.03
N VAL A 511 -1.78 -15.47 -2.24
CA VAL A 511 -3.21 -15.63 -2.49
C VAL A 511 -3.79 -16.44 -1.34
N VAL A 512 -4.79 -15.90 -0.67
CA VAL A 512 -5.44 -16.55 0.45
C VAL A 512 -6.82 -16.98 -0.02
N LEU A 513 -7.02 -18.28 -0.20
CA LEU A 513 -8.32 -18.83 -0.54
C LEU A 513 -9.08 -19.09 0.75
N SER A 514 -10.27 -18.51 0.87
CA SER A 514 -11.10 -18.67 2.04
C SER A 514 -12.39 -19.36 1.61
N PHE A 515 -12.79 -20.38 2.36
CA PHE A 515 -13.96 -21.18 2.03
C PHE A 515 -15.06 -20.93 3.05
N GLU A 516 -16.30 -20.94 2.58
CA GLU A 516 -17.48 -20.96 3.44
C GLU A 516 -18.20 -22.28 3.21
N LEU A 517 -18.42 -23.03 4.28
CA LEU A 517 -18.75 -24.45 4.18
C LEU A 517 -20.25 -24.69 4.33
N LEU A 518 -20.92 -24.82 3.18
CA LEU A 518 -22.24 -25.46 3.00
C LEU A 518 -23.32 -24.92 3.94
N HIS A 519 -23.64 -23.63 3.76
CA HIS A 519 -24.76 -23.01 4.43
C HIS A 519 -26.00 -22.93 3.55
N ALA A 520 -25.80 -22.90 2.25
CA ALA A 520 -26.80 -22.69 1.23
C ALA A 520 -26.61 -23.80 0.20
N PRO A 521 -27.38 -23.86 -0.90
CA PRO A 521 -26.91 -24.61 -2.06
C PRO A 521 -25.52 -24.19 -2.50
N ALA A 522 -24.61 -25.16 -2.50
CA ALA A 522 -23.22 -24.92 -2.87
C ALA A 522 -23.08 -24.73 -4.37
N THR A 523 -22.17 -23.86 -4.77
CA THR A 523 -22.02 -23.49 -6.17
C THR A 523 -20.70 -23.93 -6.78
N VAL A 524 -19.60 -23.86 -6.03
CA VAL A 524 -18.32 -24.32 -6.52
C VAL A 524 -18.01 -25.69 -5.94
N CYS A 525 -17.74 -26.65 -6.82
CA CYS A 525 -17.51 -28.04 -6.46
C CYS A 525 -16.16 -28.48 -6.99
N GLY A 526 -15.92 -29.78 -6.94
CA GLY A 526 -14.81 -30.38 -7.63
C GLY A 526 -15.33 -31.30 -8.70
N PRO A 527 -14.47 -31.70 -9.65
CA PRO A 527 -14.92 -32.64 -10.67
C PRO A 527 -14.82 -34.10 -10.19
N GLN B 3 21.52 27.00 2.93
CA GLN B 3 20.18 27.14 3.45
C GLN B 3 19.13 26.80 2.41
N LEU B 4 18.35 25.76 2.69
CA LEU B 4 17.31 25.31 1.77
C LEU B 4 16.14 26.29 1.78
N VAL B 5 15.56 26.52 0.60
CA VAL B 5 14.49 27.49 0.41
C VAL B 5 13.35 26.83 -0.35
N GLU B 6 12.31 27.61 -0.61
CA GLU B 6 11.16 27.15 -1.37
C GLU B 6 10.55 28.31 -2.14
N SER B 7 9.81 27.99 -3.18
CA SER B 7 9.21 29.02 -4.03
C SER B 7 7.97 28.46 -4.72
N GLY B 8 7.39 29.29 -5.59
CA GLY B 8 6.25 28.89 -6.40
C GLY B 8 4.89 29.11 -5.79
N GLY B 9 4.82 29.53 -4.52
CA GLY B 9 3.55 29.68 -3.83
C GLY B 9 3.11 31.11 -3.76
N GLY B 10 1.91 31.38 -4.27
CA GLY B 10 1.34 32.72 -4.24
C GLY B 10 -0.15 32.66 -4.30
N LEU B 11 -0.74 33.53 -5.11
CA LEU B 11 -2.18 33.54 -5.36
C LEU B 11 -2.46 33.11 -6.79
N VAL B 12 -3.51 32.32 -6.97
CA VAL B 12 -3.76 31.66 -8.25
C VAL B 12 -5.25 31.39 -8.39
N GLN B 13 -5.76 31.55 -9.61
CA GLN B 13 -7.17 31.41 -9.93
C GLN B 13 -7.57 29.93 -10.02
N PRO B 14 -8.83 29.59 -9.74
CA PRO B 14 -9.24 28.19 -9.75
C PRO B 14 -9.49 27.58 -11.12
N GLY B 15 -9.09 28.23 -12.20
CA GLY B 15 -9.12 27.60 -13.50
C GLY B 15 -7.79 27.10 -14.00
N GLY B 16 -6.71 27.36 -13.26
CA GLY B 16 -5.38 27.06 -13.74
C GLY B 16 -4.61 26.05 -12.94
N SER B 17 -3.32 26.34 -12.70
CA SER B 17 -2.40 25.38 -12.11
C SER B 17 -1.32 26.13 -11.35
N LEU B 18 -0.60 25.40 -10.50
CA LEU B 18 0.56 25.95 -9.83
C LEU B 18 1.68 24.92 -9.77
N ARG B 19 2.90 25.43 -9.64
CA ARG B 19 4.09 24.64 -9.38
C ARG B 19 4.70 25.07 -8.07
N LEU B 20 5.14 24.10 -7.28
CA LEU B 20 5.75 24.32 -5.98
C LEU B 20 7.09 23.62 -5.95
N SER B 21 8.09 24.26 -5.36
CA SER B 21 9.45 23.73 -5.35
C SER B 21 10.00 23.72 -3.93
N CYS B 22 10.63 22.60 -3.58
CA CYS B 22 11.42 22.45 -2.36
C CYS B 22 12.88 22.28 -2.73
N ALA B 23 13.75 23.12 -2.18
CA ALA B 23 15.17 22.96 -2.36
C ALA B 23 15.75 22.20 -1.17
N ALA B 24 16.93 21.61 -1.39
CA ALA B 24 17.60 20.85 -0.35
C ALA B 24 19.03 21.33 -0.21
N SER B 25 19.49 21.47 1.04
CA SER B 25 20.85 21.90 1.30
C SER B 25 21.30 21.31 2.63
N ASP B 26 22.63 21.18 2.76
CA ASP B 26 23.33 20.62 3.94
C ASP B 26 22.94 19.17 4.24
N PHE B 27 22.31 18.48 3.30
CA PHE B 27 22.17 17.03 3.34
C PHE B 27 22.01 16.56 1.90
N ASP B 28 22.23 15.26 1.70
CA ASP B 28 22.17 14.69 0.36
C ASP B 28 20.74 14.36 -0.06
N PHE B 29 20.34 14.90 -1.20
CA PHE B 29 19.01 14.67 -1.77
C PHE B 29 19.04 13.50 -2.74
N TYR B 30 19.58 12.37 -2.30
CA TYR B 30 19.83 11.26 -3.20
C TYR B 30 18.91 10.07 -2.94
N ASP B 31 18.91 9.54 -1.72
CA ASP B 31 18.16 8.33 -1.42
C ASP B 31 16.95 8.58 -0.52
N TYR B 32 16.60 9.83 -0.26
CA TYR B 32 15.47 10.08 0.63
C TYR B 32 14.14 9.96 -0.08
N GLU B 33 13.15 9.54 0.69
CA GLU B 33 11.76 9.37 0.27
C GLU B 33 11.00 10.64 0.64
N MET B 34 10.65 11.45 -0.36
CA MET B 34 10.04 12.74 -0.01
C MET B 34 8.55 12.73 -0.26
N SER B 35 7.86 13.58 0.48
CA SER B 35 6.39 13.61 0.47
C SER B 35 5.95 15.05 0.48
N TRP B 36 4.79 15.28 -0.14
CA TRP B 36 4.12 16.57 -0.13
C TRP B 36 2.86 16.43 0.70
N VAL B 37 2.73 17.27 1.73
CA VAL B 37 1.53 17.35 2.55
C VAL B 37 1.06 18.79 2.56
N ARG B 38 -0.17 18.99 3.03
CA ARG B 38 -0.70 20.34 3.14
C ARG B 38 -1.52 20.48 4.41
N GLN B 39 -1.58 21.69 4.93
CA GLN B 39 -2.37 22.04 6.10
C GLN B 39 -3.34 23.14 5.73
N ALA B 40 -4.62 22.80 5.67
CA ALA B 40 -5.64 23.81 5.49
C ALA B 40 -5.78 24.63 6.77
N PRO B 41 -6.25 25.87 6.66
CA PRO B 41 -6.55 26.65 7.88
C PRO B 41 -7.73 26.06 8.63
N GLY B 42 -7.50 25.67 9.88
CA GLY B 42 -8.54 25.10 10.71
C GLY B 42 -8.74 23.60 10.55
N LYS B 43 -7.98 22.95 9.67
CA LYS B 43 -8.09 21.51 9.49
C LYS B 43 -6.76 20.85 9.85
N ALA B 44 -6.75 19.52 9.77
CA ALA B 44 -5.56 18.75 10.04
C ALA B 44 -4.65 18.72 8.81
N LEU B 45 -3.45 18.17 8.98
CA LEU B 45 -2.55 18.00 7.85
C LEU B 45 -3.08 16.92 6.93
N GLU B 46 -3.22 17.25 5.66
CA GLU B 46 -3.68 16.31 4.66
C GLU B 46 -2.51 15.89 3.79
N TRP B 47 -2.43 14.59 3.52
CA TRP B 47 -1.36 14.01 2.73
C TRP B 47 -1.69 14.11 1.25
N ILE B 48 -0.84 14.77 0.48
CA ILE B 48 -1.07 14.90 -0.95
C ILE B 48 -0.43 13.75 -1.70
N GLY B 49 0.85 13.49 -1.46
CA GLY B 49 1.48 12.40 -2.18
C GLY B 49 2.89 12.21 -1.69
N ASN B 50 3.56 11.20 -2.26
CA ASN B 50 4.99 11.08 -2.03
C ASN B 50 5.66 10.53 -3.27
N ILE B 51 6.91 10.93 -3.45
CA ILE B 51 7.78 10.39 -4.49
C ILE B 51 8.91 9.62 -3.80
N TYR B 52 9.18 8.46 -4.35
CA TYR B 52 10.09 7.49 -3.77
C TYR B 52 11.47 7.72 -4.36
N TYR B 53 12.39 6.80 -4.13
CA TYR B 53 13.59 6.79 -4.93
C TYR B 53 13.24 6.31 -6.34
N SER B 54 14.08 6.71 -7.31
CA SER B 54 13.96 6.33 -8.72
C SER B 54 12.66 6.79 -9.36
N GLY B 55 12.11 7.91 -8.88
CA GLY B 55 11.01 8.58 -9.53
C GLY B 55 9.70 7.82 -9.59
N ASP B 56 9.36 7.08 -8.56
CA ASP B 56 8.07 6.41 -8.48
C ASP B 56 7.19 7.16 -7.48
N THR B 57 5.92 7.33 -7.83
CA THR B 57 5.03 8.20 -7.09
C THR B 57 3.80 7.45 -6.60
N PHE B 58 3.36 7.79 -5.39
CA PHE B 58 2.10 7.31 -4.84
C PHE B 58 1.29 8.52 -4.43
N TYR B 59 0.05 8.60 -4.91
CA TYR B 59 -0.75 9.80 -4.73
C TYR B 59 -1.93 9.51 -3.83
N ASN B 60 -2.50 10.59 -3.29
CA ASN B 60 -3.77 10.51 -2.58
C ASN B 60 -4.85 10.11 -3.58
N PRO B 61 -5.71 9.13 -3.25
CA PRO B 61 -6.78 8.74 -4.18
C PRO B 61 -7.79 9.83 -4.48
N SER B 62 -7.96 10.80 -3.58
CA SER B 62 -8.81 11.93 -3.88
C SER B 62 -8.15 12.90 -4.86
N LEU B 63 -6.83 12.97 -4.86
CA LEU B 63 -6.08 13.95 -5.64
C LEU B 63 -5.23 13.28 -6.71
N LYS B 64 -5.66 12.10 -7.18
CA LYS B 64 -4.86 11.32 -8.12
C LYS B 64 -4.77 11.99 -9.49
N SER B 65 -5.88 12.53 -9.98
CA SER B 65 -5.96 13.05 -11.33
C SER B 65 -5.59 14.52 -11.46
N ARG B 66 -5.33 15.21 -10.35
CA ARG B 66 -5.02 16.63 -10.39
C ARG B 66 -3.60 16.97 -9.98
N VAL B 67 -2.85 16.02 -9.40
CA VAL B 67 -1.58 16.30 -8.77
C VAL B 67 -0.52 15.44 -9.44
N THR B 68 0.59 16.07 -9.84
CA THR B 68 1.79 15.37 -10.30
C THR B 68 2.97 15.79 -9.43
N ILE B 69 3.82 14.83 -9.07
CA ILE B 69 5.00 15.10 -8.26
C ILE B 69 6.22 14.56 -8.98
N SER B 70 7.27 15.37 -9.06
CA SER B 70 8.54 14.97 -9.65
C SER B 70 9.68 15.42 -8.75
N ARG B 71 10.90 15.01 -9.11
CA ARG B 71 12.07 15.43 -8.37
C ARG B 71 13.26 15.51 -9.33
N ASP B 72 14.27 16.27 -8.91
CA ASP B 72 15.53 16.37 -9.66
C ASP B 72 16.64 16.32 -8.63
N ASN B 73 17.34 15.19 -8.59
CA ASN B 73 18.39 14.99 -7.59
C ASN B 73 19.64 15.78 -7.93
N SER B 74 19.87 16.06 -9.21
CA SER B 74 21.02 16.89 -9.59
C SER B 74 20.81 18.34 -9.19
N LYS B 75 19.60 18.84 -9.38
CA LYS B 75 19.24 20.20 -8.99
C LYS B 75 18.85 20.28 -7.52
N ASN B 76 18.71 19.12 -6.87
CA ASN B 76 18.32 18.98 -5.46
C ASN B 76 16.97 19.64 -5.18
N THR B 77 16.02 19.44 -6.08
CA THR B 77 14.71 20.06 -5.95
C THR B 77 13.59 19.03 -6.02
N LEU B 78 12.47 19.39 -5.41
CA LEU B 78 11.26 18.59 -5.35
C LEU B 78 10.11 19.41 -5.90
N TYR B 79 9.44 18.88 -6.91
CA TYR B 79 8.46 19.63 -7.67
C TYR B 79 7.07 19.05 -7.46
N LEU B 80 6.11 19.92 -7.16
CA LEU B 80 4.70 19.58 -7.21
C LEU B 80 4.07 20.43 -8.31
N GLN B 81 3.16 19.83 -9.06
CA GLN B 81 2.31 20.56 -9.99
C GLN B 81 0.88 20.15 -9.70
N MET B 82 0.00 21.13 -9.58
CA MET B 82 -1.39 20.87 -9.26
C MET B 82 -2.27 21.69 -10.17
N ASN B 83 -3.28 21.05 -10.78
CA ASN B 83 -4.15 21.71 -11.74
C ASN B 83 -5.62 21.49 -11.37
N SER B 84 -6.47 22.29 -12.02
CA SER B 84 -7.92 22.33 -11.81
C SER B 84 -8.26 22.57 -10.33
N LEU B 85 -7.82 23.71 -9.84
CA LEU B 85 -7.88 24.00 -8.42
C LEU B 85 -9.29 24.38 -7.99
N ARG B 86 -9.59 24.10 -6.73
CA ARG B 86 -10.86 24.44 -6.13
C ARG B 86 -10.64 25.47 -5.02
N ALA B 87 -11.74 26.03 -4.53
CA ALA B 87 -11.65 27.05 -3.50
C ALA B 87 -11.23 26.49 -2.15
N GLU B 88 -11.42 25.19 -1.94
CA GLU B 88 -10.99 24.55 -0.70
C GLU B 88 -9.53 24.15 -0.72
N ASP B 89 -8.84 24.32 -1.85
CA ASP B 89 -7.48 23.84 -2.01
C ASP B 89 -6.47 24.77 -1.37
N THR B 90 -6.89 25.94 -0.89
CA THR B 90 -5.99 26.87 -0.21
C THR B 90 -5.47 26.30 1.09
N ALA B 91 -4.14 26.37 1.27
CA ALA B 91 -3.46 25.70 2.37
C ALA B 91 -2.04 26.20 2.47
N THR B 92 -1.35 25.75 3.51
CA THR B 92 0.11 25.87 3.61
C THR B 92 0.70 24.51 3.28
N TYR B 93 1.55 24.47 2.26
CA TYR B 93 2.05 23.24 1.67
C TYR B 93 3.46 22.99 2.18
N TYR B 94 3.73 21.76 2.61
CA TYR B 94 4.98 21.39 3.23
C TYR B 94 5.60 20.22 2.50
N CYS B 95 6.89 20.32 2.23
CA CYS B 95 7.72 19.23 1.73
C CYS B 95 8.40 18.55 2.89
N ALA B 96 8.31 17.23 2.95
CA ALA B 96 8.77 16.45 4.08
C ALA B 96 9.58 15.27 3.60
N ARG B 97 10.37 14.71 4.50
CA ARG B 97 11.18 13.53 4.22
C ARG B 97 10.67 12.38 5.07
N VAL B 98 10.41 11.25 4.43
CA VAL B 98 9.91 10.07 5.13
C VAL B 98 11.08 9.22 5.58
N GLU B 99 11.10 8.85 6.85
CA GLU B 99 12.08 7.88 7.33
C GLU B 99 11.76 6.49 6.80
N SER B 100 12.74 5.61 6.90
CA SER B 100 12.59 4.22 6.52
C SER B 100 12.41 3.39 7.78
N GLY B 101 11.35 2.59 7.83
CA GLY B 101 11.04 1.78 8.99
C GLY B 101 10.16 2.48 10.01
N SER B 102 10.37 3.78 10.20
CA SER B 102 9.47 4.64 10.95
C SER B 102 8.81 5.59 9.97
N GLY B 103 7.57 5.96 10.26
CA GLY B 103 6.81 6.78 9.32
C GLY B 103 7.01 8.27 9.56
N TRP B 104 8.08 8.62 10.27
CA TRP B 104 8.29 9.98 10.72
C TRP B 104 8.55 10.92 9.55
N LEU B 105 7.77 11.99 9.49
CA LEU B 105 7.95 13.02 8.47
C LEU B 105 8.91 14.05 9.01
N ASP B 106 9.95 14.36 8.24
CA ASP B 106 10.93 15.36 8.63
C ASP B 106 10.64 16.63 7.84
N PHE B 107 9.82 17.50 8.43
CA PHE B 107 9.55 18.81 7.83
C PHE B 107 10.72 19.72 8.13
N TRP B 108 11.56 19.97 7.13
CA TRP B 108 12.56 21.02 7.26
C TRP B 108 12.26 22.24 6.40
N GLY B 109 11.21 22.17 5.58
CA GLY B 109 10.75 23.35 4.88
C GLY B 109 9.92 24.24 5.79
N GLN B 110 9.99 25.54 5.53
CA GLN B 110 9.19 26.48 6.31
C GLN B 110 7.72 26.39 5.93
N GLY B 111 7.42 26.04 4.70
CA GLY B 111 6.05 25.89 4.24
C GLY B 111 5.67 27.06 3.35
N THR B 112 4.94 26.78 2.29
CA THR B 112 4.54 27.81 1.34
C THR B 112 3.04 28.06 1.44
N LEU B 113 2.65 29.32 1.35
CA LEU B 113 1.26 29.71 1.56
C LEU B 113 0.59 29.88 0.21
N VAL B 114 -0.47 29.10 -0.04
CA VAL B 114 -1.17 29.12 -1.31
C VAL B 114 -2.63 29.45 -1.06
N THR B 115 -3.09 30.55 -1.63
CA THR B 115 -4.47 31.01 -1.50
C THR B 115 -5.08 31.16 -2.88
N VAL B 116 -6.35 30.78 -3.03
CA VAL B 116 -7.04 30.84 -4.31
C VAL B 116 -8.27 31.74 -4.18
N SER B 117 -8.46 32.59 -5.18
CA SER B 117 -9.63 33.47 -5.26
C SER B 117 -9.74 33.97 -6.68
N SER B 118 -10.72 34.85 -6.89
CA SER B 118 -10.85 35.54 -8.15
C SER B 118 -10.21 36.92 -8.03
C1 NAG C . 0.27 -19.80 -14.91
C2 NAG C . -0.78 -20.91 -14.83
C3 NAG C . -0.12 -22.28 -14.86
C4 NAG C . 0.77 -22.42 -16.08
C5 NAG C . 1.80 -21.29 -16.10
C6 NAG C . 2.65 -21.30 -17.35
C7 NAG C . -2.91 -20.97 -13.61
C8 NAG C . -3.59 -20.78 -12.29
N2 NAG C . -1.59 -20.76 -13.62
O3 NAG C . -1.11 -23.29 -14.86
O4 NAG C . 1.45 -23.67 -16.06
O5 NAG C . 1.12 -20.02 -16.08
O6 NAG C . 2.86 -22.63 -17.82
O7 NAG C . -3.53 -21.29 -14.62
#